data_4C29
#
_entry.id   4C29
#
_cell.length_a   41.249
_cell.length_b   50.071
_cell.length_c   96.869
_cell.angle_alpha   90.00
_cell.angle_beta   92.73
_cell.angle_gamma   90.00
#
_symmetry.space_group_name_H-M   'P 1 21 1'
#
loop_
_entity.id
_entity.type
_entity.pdbx_description
1 polymer 'VON WILLEBRAND FACTOR'
2 non-polymer 'ACETATE ION'
3 non-polymer DI(HYDROXYETHYL)ETHER
4 non-polymer 'CALCIUM ION'
5 water water
#
_entity_poly.entity_id   1
_entity_poly.type   'polypeptide(L)'
_entity_poly.pdbx_seq_one_letter_code
;MEPPLHDFCRSRLLDLVFLLDGSSRLSEAEFEVLKAFVVDMMERLRISQKWVRVAVVEYHDGSHAYIGLKDRKRPSELRR
IASQVKYAGSQVASTSEVLKYTLFQIFSKIDRPEASRIALLLMASQEPQRMSRNFVRYVQGLKKKKVIVIPVGIGPHANL
KQIRLIEKQAPENKAFVLSSVDELEQQRDEIVSYLCDLAPEAPPPTLPPHHHHHH
;
_entity_poly.pdbx_strand_id   A,B
#
# COMPACT_ATOMS: atom_id res chain seq x y z
N PRO A 4 -3.44 -12.75 32.58
CA PRO A 4 -4.20 -13.09 31.37
C PRO A 4 -4.90 -11.86 30.78
N LEU A 5 -4.69 -11.63 29.49
CA LEU A 5 -5.24 -10.46 28.81
C LEU A 5 -6.74 -10.55 28.60
N HIS A 6 -7.40 -9.40 28.69
CA HIS A 6 -8.83 -9.29 28.47
C HIS A 6 -9.15 -8.22 27.42
N ASP A 7 -10.21 -8.44 26.66
CA ASP A 7 -10.63 -7.51 25.61
C ASP A 7 -11.15 -6.17 26.18
N PHE A 8 -10.37 -5.10 25.98
CA PHE A 8 -10.71 -3.78 26.51
C PHE A 8 -11.89 -3.14 25.78
N CYS A 9 -12.00 -3.39 24.49
CA CYS A 9 -13.04 -2.83 23.63
C CYS A 9 -14.18 -3.80 23.37
N ARG A 10 -14.48 -4.65 24.34
CA ARG A 10 -15.44 -5.72 24.10
C ARG A 10 -16.80 -5.17 23.66
N SER A 11 -17.28 -5.71 22.55
CA SER A 11 -18.49 -5.29 21.84
C SER A 11 -18.44 -3.87 21.27
N ARG A 12 -17.23 -3.32 21.10
CA ARG A 12 -17.09 -1.98 20.52
C ARG A 12 -16.82 -2.06 19.02
N LEU A 13 -17.32 -1.08 18.28
CA LEU A 13 -17.04 -0.98 16.85
C LEU A 13 -16.06 0.16 16.60
N LEU A 14 -14.85 -0.17 16.18
CA LEU A 14 -13.78 0.82 16.14
C LEU A 14 -12.77 0.56 15.03
N ASP A 15 -12.41 1.62 14.31
CA ASP A 15 -11.28 1.59 13.39
C ASP A 15 -10.13 2.35 14.02
N LEU A 16 -9.07 1.63 14.40
CA LEU A 16 -7.97 2.26 15.13
C LEU A 16 -6.70 2.33 14.29
N VAL A 17 -6.19 3.54 14.12
CA VAL A 17 -5.02 3.79 13.27
C VAL A 17 -3.81 4.22 14.09
N PHE A 18 -2.74 3.43 14.03
CA PHE A 18 -1.51 3.73 14.74
C PHE A 18 -0.51 4.48 13.85
N LEU A 19 -0.14 5.68 14.27
CA LEU A 19 0.82 6.49 13.52
C LEU A 19 2.13 6.63 14.29
N LEU A 20 3.19 6.01 13.77
CA LEU A 20 4.47 5.91 14.48
C LEU A 20 5.53 6.88 13.95
N ASP A 21 6.05 7.71 14.84
CA ASP A 21 7.13 8.63 14.50
C ASP A 21 8.38 7.88 14.07
N GLY A 22 8.85 8.13 12.85
CA GLY A 22 10.00 7.43 12.31
C GLY A 22 11.27 8.26 12.26
N SER A 23 11.37 9.27 13.13
CA SER A 23 12.54 10.14 13.12
C SER A 23 13.65 9.63 14.03
N SER A 24 14.79 10.29 13.98
CA SER A 24 15.95 9.95 14.79
C SER A 24 15.87 10.54 16.19
N ARG A 25 14.75 11.20 16.49
CA ARG A 25 14.51 11.68 17.84
C ARG A 25 14.31 10.50 18.78
N LEU A 26 13.93 9.36 18.20
CA LEU A 26 13.87 8.11 18.94
C LEU A 26 15.06 7.25 18.56
N SER A 27 15.79 6.75 19.55
CA SER A 27 16.84 5.79 19.29
C SER A 27 16.19 4.51 18.78
N GLU A 28 17.00 3.60 18.26
CA GLU A 28 16.45 2.35 17.75
C GLU A 28 15.76 1.57 18.86
N ALA A 29 16.38 1.52 20.02
CA ALA A 29 15.79 0.86 21.18
C ALA A 29 14.48 1.53 21.62
N GLU A 30 14.46 2.86 21.59
CA GLU A 30 13.25 3.61 21.94
C GLU A 30 12.11 3.31 20.97
N PHE A 31 12.46 3.18 19.70
CA PHE A 31 11.47 2.85 18.68
C PHE A 31 10.92 1.45 18.88
N GLU A 32 11.76 0.56 19.41
CA GLU A 32 11.31 -0.79 19.75
C GLU A 32 10.29 -0.75 20.89
N VAL A 33 10.49 0.18 21.82
CA VAL A 33 9.55 0.37 22.93
C VAL A 33 8.21 0.89 22.40
N LEU A 34 8.28 1.81 21.44
CA LEU A 34 7.09 2.35 20.80
C LEU A 34 6.30 1.24 20.10
N LYS A 35 7.01 0.39 19.38
CA LYS A 35 6.41 -0.74 18.68
C LYS A 35 5.83 -1.75 19.66
N ALA A 36 6.53 -1.96 20.77
CA ALA A 36 6.06 -2.87 21.82
C ALA A 36 4.76 -2.36 22.41
N PHE A 37 4.66 -1.04 22.53
CA PHE A 37 3.43 -0.39 22.99
C PHE A 37 2.27 -0.69 22.05
N VAL A 38 2.51 -0.51 20.75
CA VAL A 38 1.50 -0.79 19.73
C VAL A 38 1.02 -2.24 19.79
N VAL A 39 1.96 -3.16 19.98
CA VAL A 39 1.62 -4.58 20.08
C VAL A 39 0.81 -4.87 21.34
N ASP A 40 1.20 -4.26 22.46
CA ASP A 40 0.45 -4.39 23.71
C ASP A 40 -0.99 -3.92 23.53
N MET A 41 -1.17 -2.84 22.78
CA MET A 41 -2.48 -2.30 22.47
C MET A 41 -3.31 -3.29 21.67
N MET A 42 -2.71 -3.86 20.63
CA MET A 42 -3.40 -4.79 19.74
C MET A 42 -3.78 -6.08 20.46
N GLU A 43 -2.97 -6.46 21.44
CA GLU A 43 -3.23 -7.67 22.24
C GLU A 43 -4.51 -7.52 23.05
N ARG A 44 -4.88 -6.29 23.33
CA ARG A 44 -6.03 -5.98 24.17
C ARG A 44 -7.27 -5.67 23.35
N LEU A 45 -7.19 -5.91 22.04
CA LEU A 45 -8.30 -5.65 21.14
C LEU A 45 -8.77 -6.93 20.43
N ARG A 46 -10.04 -6.97 20.08
CA ARG A 46 -10.56 -8.06 19.25
C ARG A 46 -10.47 -7.63 17.79
N ILE A 47 -9.36 -7.93 17.14
CA ILE A 47 -9.13 -7.45 15.79
C ILE A 47 -9.92 -8.29 14.79
N SER A 48 -10.85 -7.63 14.11
CA SER A 48 -11.74 -8.26 13.15
C SER A 48 -12.49 -7.18 12.37
N GLN A 49 -12.93 -7.53 11.17
CA GLN A 49 -13.67 -6.59 10.31
C GLN A 49 -15.02 -6.25 10.93
N LYS A 50 -15.49 -7.09 11.85
CA LYS A 50 -16.79 -6.90 12.48
C LYS A 50 -16.70 -6.20 13.83
N TRP A 51 -15.48 -6.00 14.32
CA TRP A 51 -15.29 -5.37 15.63
C TRP A 51 -14.28 -4.22 15.58
N VAL A 52 -13.02 -4.53 15.90
CA VAL A 52 -11.96 -3.52 15.81
C VAL A 52 -11.03 -3.79 14.64
N ARG A 53 -10.89 -2.80 13.75
CA ARG A 53 -9.94 -2.89 12.66
C ARG A 53 -8.73 -2.00 12.97
N VAL A 54 -7.56 -2.44 12.56
CA VAL A 54 -6.34 -1.69 12.85
C VAL A 54 -5.57 -1.29 11.60
N ALA A 55 -4.81 -0.21 11.73
CA ALA A 55 -3.87 0.20 10.70
C ALA A 55 -2.60 0.66 11.38
N VAL A 56 -1.45 0.33 10.79
CA VAL A 56 -0.17 0.72 11.35
C VAL A 56 0.68 1.41 10.29
N VAL A 57 0.99 2.69 10.54
CA VAL A 57 1.76 3.48 9.59
C VAL A 57 2.99 4.09 10.27
N GLU A 58 4.15 3.87 9.67
CA GLU A 58 5.38 4.50 10.12
C GLU A 58 5.66 5.68 9.21
N TYR A 59 5.86 6.86 9.79
CA TYR A 59 6.06 8.04 8.95
C TYR A 59 7.40 8.73 9.20
N HIS A 60 8.08 9.02 8.09
CA HIS A 60 9.28 9.83 8.09
C HIS A 60 8.99 11.04 7.19
N ASP A 61 9.83 11.28 6.19
CA ASP A 61 9.51 12.33 5.21
C ASP A 61 8.30 11.86 4.39
N GLY A 62 8.24 10.56 4.14
CA GLY A 62 7.04 9.94 3.59
C GLY A 62 6.49 8.98 4.63
N SER A 63 5.53 8.15 4.23
CA SER A 63 4.98 7.17 5.16
C SER A 63 4.85 5.78 4.54
N HIS A 64 4.99 4.76 5.37
CA HIS A 64 4.79 3.37 4.98
C HIS A 64 3.64 2.74 5.75
N ALA A 65 2.64 2.24 5.04
CA ALA A 65 1.52 1.56 5.68
C ALA A 65 1.78 0.05 5.74
N TYR A 66 2.20 -0.41 6.92
CA TYR A 66 2.49 -1.83 7.12
C TYR A 66 1.21 -2.64 7.28
N ILE A 67 0.19 -2.03 7.86
CA ILE A 67 -1.11 -2.67 8.01
C ILE A 67 -2.22 -1.72 7.57
N GLY A 68 -3.14 -2.23 6.78
CA GLY A 68 -4.33 -1.49 6.38
C GLY A 68 -5.56 -2.02 7.10
N LEU A 69 -6.57 -1.17 7.23
CA LEU A 69 -7.80 -1.54 7.94
C LEU A 69 -8.47 -2.76 7.31
N LYS A 70 -8.40 -2.88 6.00
CA LYS A 70 -9.06 -3.96 5.28
C LYS A 70 -8.20 -5.22 5.16
N ASP A 71 -6.97 -5.14 5.62
CA ASP A 71 -6.08 -6.30 5.59
C ASP A 71 -6.67 -7.42 6.44
N ARG A 72 -7.20 -8.45 5.77
CA ARG A 72 -7.86 -9.55 6.46
C ARG A 72 -6.90 -10.65 6.85
N LYS A 73 -5.86 -10.27 7.59
CA LYS A 73 -4.92 -11.23 8.14
C LYS A 73 -5.28 -11.55 9.59
N ARG A 74 -4.88 -12.72 10.07
CA ARG A 74 -5.14 -13.10 11.46
C ARG A 74 -4.44 -12.14 12.40
N PRO A 75 -5.07 -11.83 13.55
CA PRO A 75 -4.54 -10.89 14.54
C PRO A 75 -3.09 -11.17 14.94
N SER A 76 -2.75 -12.46 15.10
CA SER A 76 -1.39 -12.83 15.47
C SER A 76 -0.39 -12.41 14.40
N GLU A 77 -0.80 -12.47 13.14
CA GLU A 77 0.04 -12.00 12.03
C GLU A 77 0.17 -10.48 12.04
N LEU A 78 -0.94 -9.79 12.29
CA LEU A 78 -0.94 -8.33 12.33
C LEU A 78 0.00 -7.83 13.44
N ARG A 79 -0.02 -8.49 14.58
CA ARG A 79 0.85 -8.13 15.68
C ARG A 79 2.32 -8.40 15.35
N ARG A 80 2.57 -9.47 14.59
CA ARG A 80 3.94 -9.79 14.18
C ARG A 80 4.47 -8.71 13.25
N ILE A 81 3.64 -8.30 12.31
CA ILE A 81 4.00 -7.26 11.36
C ILE A 81 4.33 -5.95 12.07
N ALA A 82 3.52 -5.60 13.06
CA ALA A 82 3.73 -4.38 13.83
C ALA A 82 5.04 -4.40 14.60
N SER A 83 5.39 -5.56 15.16
CA SER A 83 6.61 -5.68 15.96
C SER A 83 7.87 -5.72 15.10
N GLN A 84 7.69 -5.83 13.79
CA GLN A 84 8.83 -5.95 12.88
C GLN A 84 8.93 -4.75 11.95
N VAL A 85 8.17 -3.70 12.25
CA VAL A 85 8.28 -2.43 11.52
C VAL A 85 9.72 -1.91 11.56
N LYS A 86 10.29 -1.63 10.40
CA LYS A 86 11.68 -1.22 10.31
C LYS A 86 11.94 0.18 10.86
N TYR A 87 13.02 0.30 11.63
CA TYR A 87 13.46 1.58 12.16
C TYR A 87 13.98 2.47 11.03
N ALA A 88 13.53 3.71 10.98
CA ALA A 88 13.93 4.62 9.92
C ALA A 88 15.07 5.52 10.38
N GLY A 89 14.90 6.15 11.54
CA GLY A 89 15.89 7.07 12.06
C GLY A 89 16.10 8.24 11.13
N SER A 90 15.02 8.67 10.48
CA SER A 90 15.07 9.78 9.55
C SER A 90 15.30 11.09 10.30
N GLN A 91 15.81 12.10 9.60
CA GLN A 91 16.02 13.40 10.22
C GLN A 91 14.67 14.04 10.53
N VAL A 92 13.68 13.75 9.69
CA VAL A 92 12.35 14.36 9.82
C VAL A 92 11.21 13.34 9.85
N ALA A 93 10.27 13.57 10.74
CA ALA A 93 9.02 12.83 10.75
C ALA A 93 7.87 13.80 10.47
N SER A 94 7.31 13.73 9.28
CA SER A 94 6.30 14.69 8.88
C SER A 94 4.90 14.29 9.35
N THR A 95 4.42 14.99 10.37
CA THR A 95 3.08 14.78 10.88
C THR A 95 2.05 15.20 9.84
N SER A 96 2.37 16.26 9.09
CA SER A 96 1.46 16.76 8.07
C SER A 96 1.25 15.73 6.96
N GLU A 97 2.35 15.11 6.51
CA GLU A 97 2.28 14.13 5.45
C GLU A 97 1.48 12.90 5.87
N VAL A 98 1.68 12.43 7.10
CA VAL A 98 0.98 11.22 7.54
C VAL A 98 -0.50 11.51 7.83
N LEU A 99 -0.82 12.72 8.27
CA LEU A 99 -2.21 13.10 8.45
C LEU A 99 -2.87 13.27 7.09
N LYS A 100 -2.08 13.72 6.12
CA LYS A 100 -2.53 13.79 4.73
C LYS A 100 -2.86 12.40 4.21
N TYR A 101 -1.98 11.44 4.47
CA TYR A 101 -2.20 10.06 4.07
C TYR A 101 -3.41 9.46 4.77
N THR A 102 -3.55 9.75 6.06
CA THR A 102 -4.69 9.24 6.82
C THR A 102 -6.01 9.79 6.28
N LEU A 103 -6.01 11.06 5.89
CA LEU A 103 -7.23 11.71 5.41
C LEU A 103 -7.61 11.27 4.00
N PHE A 104 -6.64 11.26 3.09
CA PHE A 104 -6.93 11.05 1.66
C PHE A 104 -6.77 9.60 1.20
N GLN A 105 -6.22 8.72 2.04
CA GLN A 105 -6.03 7.33 1.65
C GLN A 105 -6.77 6.35 2.56
N ILE A 106 -6.43 6.37 3.84
CA ILE A 106 -7.05 5.45 4.80
C ILE A 106 -8.54 5.73 4.92
N PHE A 107 -8.89 7.01 5.05
CA PHE A 107 -10.30 7.37 5.19
C PHE A 107 -10.80 8.19 4.00
N SER A 108 -10.33 7.84 2.81
CA SER A 108 -10.84 8.45 1.58
C SER A 108 -12.31 8.09 1.42
N LYS A 109 -12.63 6.85 1.75
CA LYS A 109 -14.01 6.39 1.76
C LYS A 109 -14.38 5.83 3.15
N ILE A 110 -15.51 6.27 3.68
CA ILE A 110 -15.98 5.76 4.96
C ILE A 110 -16.90 4.58 4.70
N ASP A 111 -16.33 3.38 4.67
CA ASP A 111 -17.08 2.18 4.37
C ASP A 111 -17.67 1.56 5.62
N ARG A 112 -17.26 2.10 6.78
CA ARG A 112 -17.76 1.61 8.05
C ARG A 112 -18.24 2.75 8.94
N PRO A 113 -19.40 3.34 8.61
CA PRO A 113 -19.93 4.50 9.35
C PRO A 113 -20.44 4.17 10.75
N GLU A 114 -20.78 2.90 11.00
CA GLU A 114 -21.32 2.51 12.30
C GLU A 114 -20.22 2.41 13.35
N ALA A 115 -18.98 2.55 12.93
CA ALA A 115 -17.85 2.43 13.85
C ALA A 115 -17.20 3.77 14.10
N SER A 116 -16.53 3.90 15.24
CA SER A 116 -15.71 5.08 15.52
C SER A 116 -14.41 4.97 14.75
N ARG A 117 -13.81 6.12 14.45
CA ARG A 117 -12.51 6.14 13.78
C ARG A 117 -11.53 6.95 14.61
N ILE A 118 -10.44 6.30 15.02
CA ILE A 118 -9.47 6.95 15.88
C ILE A 118 -8.06 6.87 15.31
N ALA A 119 -7.41 8.02 15.21
CA ALA A 119 -6.02 8.08 14.78
C ALA A 119 -5.12 8.41 15.96
N LEU A 120 -4.30 7.43 16.36
CA LEU A 120 -3.37 7.63 17.46
C LEU A 120 -2.04 8.14 16.91
N LEU A 121 -1.80 9.43 17.05
CA LEU A 121 -0.61 10.05 16.49
C LEU A 121 0.52 10.10 17.52
N LEU A 122 1.46 9.17 17.39
CA LEU A 122 2.55 9.04 18.34
C LEU A 122 3.73 9.91 17.90
N MET A 123 3.93 11.02 18.60
CA MET A 123 4.88 12.05 18.18
C MET A 123 6.07 12.17 19.11
N ALA A 124 7.26 12.28 18.53
CA ALA A 124 8.49 12.46 19.29
C ALA A 124 9.37 13.54 18.67
N SER A 125 8.86 14.20 17.65
CA SER A 125 9.66 15.15 16.88
C SER A 125 8.84 16.34 16.38
N GLN A 126 9.50 17.23 15.65
CA GLN A 126 8.87 18.42 15.09
C GLN A 126 9.36 18.65 13.67
N GLU A 127 8.47 18.45 12.70
CA GLU A 127 8.79 18.60 11.28
C GLU A 127 9.22 20.02 10.95
N PRO A 128 10.04 20.19 9.90
CA PRO A 128 10.41 21.54 9.46
C PRO A 128 9.19 22.35 9.06
N GLN A 129 9.17 23.63 9.42
CA GLN A 129 8.01 24.49 9.23
C GLN A 129 7.42 24.47 7.82
N ARG A 130 8.28 24.38 6.82
CA ARG A 130 7.83 24.43 5.42
C ARG A 130 6.89 23.27 5.11
N MET A 131 6.95 22.22 5.93
CA MET A 131 6.12 21.04 5.71
C MET A 131 4.79 21.14 6.45
N SER A 132 4.60 22.22 7.19
CA SER A 132 3.44 22.37 8.06
C SER A 132 2.39 23.29 7.48
N ARG A 133 2.54 23.68 6.21
CA ARG A 133 1.63 24.61 5.56
C ARG A 133 0.18 24.14 5.58
N ASN A 134 -0.03 22.86 5.33
CA ASN A 134 -1.37 22.30 5.22
C ASN A 134 -1.78 21.46 6.42
N PHE A 135 -1.08 21.60 7.53
CA PHE A 135 -1.34 20.79 8.72
C PHE A 135 -2.78 20.94 9.22
N VAL A 136 -3.20 22.18 9.47
CA VAL A 136 -4.52 22.45 10.03
C VAL A 136 -5.62 21.94 9.11
N ARG A 137 -5.39 22.05 7.80
CA ARG A 137 -6.36 21.60 6.81
C ARG A 137 -6.62 20.09 6.90
N TYR A 138 -5.56 19.34 7.15
CA TYR A 138 -5.65 17.89 7.28
C TYR A 138 -6.38 17.52 8.57
N VAL A 139 -6.08 18.25 9.64
CA VAL A 139 -6.71 18.03 10.93
C VAL A 139 -8.20 18.31 10.89
N GLN A 140 -8.59 19.40 10.22
CA GLN A 140 -10.00 19.72 10.04
C GLN A 140 -10.70 18.74 9.10
N GLY A 141 -9.99 18.28 8.08
CA GLY A 141 -10.54 17.30 7.16
C GLY A 141 -10.87 16.02 7.91
N LEU A 142 -9.96 15.62 8.78
CA LEU A 142 -10.17 14.43 9.60
C LEU A 142 -11.34 14.61 10.57
N LYS A 143 -11.50 15.82 11.09
CA LYS A 143 -12.61 16.11 11.99
C LYS A 143 -13.95 16.01 11.27
N LYS A 144 -14.00 16.50 10.04
CA LYS A 144 -15.23 16.46 9.25
C LYS A 144 -15.63 15.03 8.92
N LYS A 145 -14.65 14.15 8.78
CA LYS A 145 -14.92 12.74 8.49
C LYS A 145 -15.16 11.96 9.77
N LYS A 146 -15.31 12.67 10.89
CA LYS A 146 -15.52 12.07 12.20
C LYS A 146 -14.38 11.14 12.58
N VAL A 147 -13.17 11.52 12.20
CA VAL A 147 -11.98 10.82 12.65
C VAL A 147 -11.38 11.56 13.84
N ILE A 148 -11.39 10.92 15.00
CA ILE A 148 -10.83 11.51 16.20
C ILE A 148 -9.31 11.34 16.21
N VAL A 149 -8.60 12.47 16.22
CA VAL A 149 -7.15 12.43 16.26
C VAL A 149 -6.66 12.62 17.68
N ILE A 150 -5.96 11.62 18.20
CA ILE A 150 -5.46 11.69 19.56
C ILE A 150 -3.94 11.71 19.54
N PRO A 151 -3.35 12.88 19.86
CA PRO A 151 -1.91 13.05 19.86
C PRO A 151 -1.27 12.50 21.13
N VAL A 152 -0.19 11.75 20.95
CA VAL A 152 0.60 11.28 22.08
C VAL A 152 1.99 11.89 21.97
N GLY A 153 2.22 12.96 22.72
CA GLY A 153 3.50 13.64 22.70
C GLY A 153 4.52 12.91 23.54
N ILE A 154 5.56 12.40 22.89
CA ILE A 154 6.60 11.64 23.57
C ILE A 154 7.94 12.36 23.54
N GLY A 155 8.49 12.65 24.72
CA GLY A 155 9.79 13.28 24.81
C GLY A 155 9.74 14.78 24.59
N PRO A 156 10.89 15.45 24.80
CA PRO A 156 10.97 16.91 24.78
C PRO A 156 10.97 17.52 23.38
N HIS A 157 11.02 16.70 22.33
CA HIS A 157 11.11 17.23 20.98
C HIS A 157 9.79 17.15 20.22
N ALA A 158 8.77 16.60 20.87
CA ALA A 158 7.44 16.49 20.27
C ALA A 158 6.89 17.87 19.91
N ASN A 159 6.28 17.97 18.73
CA ASN A 159 5.75 19.25 18.24
C ASN A 159 4.57 19.71 19.08
N LEU A 160 4.87 20.51 20.11
CA LEU A 160 3.88 20.96 21.06
C LEU A 160 2.80 21.83 20.42
N LYS A 161 3.20 22.66 19.46
CA LYS A 161 2.26 23.52 18.75
C LYS A 161 1.19 22.71 18.05
N GLN A 162 1.62 21.68 17.34
CA GLN A 162 0.69 20.84 16.59
C GLN A 162 -0.17 19.99 17.51
N ILE A 163 0.40 19.60 18.66
CA ILE A 163 -0.36 18.85 19.64
C ILE A 163 -1.54 19.67 20.16
N ARG A 164 -1.28 20.94 20.48
CA ARG A 164 -2.31 21.85 20.95
C ARG A 164 -3.32 22.18 19.85
N LEU A 165 -2.84 22.31 18.61
CA LEU A 165 -3.71 22.59 17.48
C LEU A 165 -4.75 21.50 17.29
N ILE A 166 -4.35 20.26 17.50
CA ILE A 166 -5.27 19.13 17.43
C ILE A 166 -6.18 19.10 18.66
N GLU A 167 -5.59 19.30 19.84
CA GLU A 167 -6.34 19.20 21.09
C GLU A 167 -7.48 20.22 21.22
N LYS A 168 -7.25 21.44 20.75
CA LYS A 168 -8.24 22.51 20.97
C LYS A 168 -9.48 22.38 20.10
N GLN A 169 -9.49 21.45 19.15
CA GLN A 169 -10.66 21.27 18.28
C GLN A 169 -11.88 20.75 19.02
N ALA A 170 -11.68 19.73 19.85
CA ALA A 170 -12.78 19.11 20.57
C ALA A 170 -12.25 18.37 21.79
N PRO A 171 -13.09 18.20 22.83
CA PRO A 171 -12.67 17.47 24.03
C PRO A 171 -12.23 16.04 23.72
N GLU A 172 -12.75 15.46 22.63
CA GLU A 172 -12.37 14.10 22.25
C GLU A 172 -10.89 14.03 21.91
N ASN A 173 -10.37 15.11 21.34
CA ASN A 173 -8.97 15.16 20.90
C ASN A 173 -8.00 15.35 22.05
N LYS A 174 -8.26 14.67 23.18
CA LYS A 174 -7.41 14.74 24.36
C LYS A 174 -5.99 14.31 24.01
N ALA A 175 -5.02 15.13 24.43
CA ALA A 175 -3.62 14.83 24.15
C ALA A 175 -2.96 14.17 25.34
N PHE A 176 -2.17 13.13 25.08
CA PHE A 176 -1.36 12.51 26.12
C PHE A 176 0.07 13.00 25.99
N VAL A 177 0.65 13.37 27.12
CA VAL A 177 2.03 13.84 27.14
C VAL A 177 2.89 12.92 28.00
N LEU A 178 3.96 12.40 27.39
CA LEU A 178 4.88 11.50 28.07
C LEU A 178 6.31 11.99 27.95
N SER A 179 7.08 11.86 29.02
CA SER A 179 8.46 12.32 29.01
C SER A 179 9.37 11.37 28.24
N SER A 180 8.89 10.14 28.03
CA SER A 180 9.70 9.09 27.42
C SER A 180 8.83 7.96 26.86
N VAL A 181 9.38 7.16 25.96
CA VAL A 181 8.69 5.97 25.48
C VAL A 181 8.53 4.97 26.62
N ASP A 182 9.44 5.05 27.60
CA ASP A 182 9.44 4.14 28.73
C ASP A 182 8.16 4.28 29.57
N GLU A 183 7.49 5.41 29.45
CA GLU A 183 6.28 5.66 30.22
C GLU A 183 5.02 5.09 29.54
N LEU A 184 5.17 4.64 28.30
CA LEU A 184 4.03 4.12 27.53
C LEU A 184 3.35 2.95 28.22
N GLU A 185 4.14 2.01 28.75
CA GLU A 185 3.60 0.82 29.35
C GLU A 185 2.75 1.14 30.59
N GLN A 186 3.19 2.13 31.35
CA GLN A 186 2.49 2.51 32.56
C GLN A 186 1.16 3.21 32.26
N GLN A 187 1.10 3.91 31.12
CA GLN A 187 -0.12 4.64 30.76
C GLN A 187 -0.94 3.91 29.68
N ARG A 188 -0.52 2.70 29.34
CA ARG A 188 -1.17 1.94 28.29
C ARG A 188 -2.65 1.67 28.56
N ASP A 189 -2.94 1.09 29.72
CA ASP A 189 -4.31 0.71 30.07
C ASP A 189 -5.22 1.93 30.13
N GLU A 190 -4.69 3.04 30.61
CA GLU A 190 -5.44 4.29 30.65
C GLU A 190 -5.78 4.74 29.23
N ILE A 191 -4.80 4.69 28.34
CA ILE A 191 -4.99 5.13 26.95
C ILE A 191 -6.00 4.26 26.20
N VAL A 192 -5.88 2.94 26.33
CA VAL A 192 -6.81 2.02 25.66
C VAL A 192 -8.23 2.23 26.15
N SER A 193 -8.37 2.44 27.46
CA SER A 193 -9.67 2.67 28.07
C SER A 193 -10.30 3.95 27.55
N TYR A 194 -9.49 5.00 27.41
CA TYR A 194 -9.98 6.25 26.85
C TYR A 194 -10.44 6.05 25.41
N LEU A 195 -9.66 5.30 24.63
CA LEU A 195 -10.00 5.01 23.24
C LEU A 195 -11.32 4.26 23.15
N CYS A 196 -11.44 3.19 23.94
CA CYS A 196 -12.60 2.32 23.88
C CYS A 196 -13.86 3.03 24.37
N ASP A 197 -13.70 4.01 25.25
CA ASP A 197 -14.83 4.76 25.77
C ASP A 197 -15.47 5.62 24.69
N LEU A 198 -14.67 6.02 23.71
CA LEU A 198 -15.14 6.83 22.58
C LEU A 198 -15.84 5.99 21.52
N ALA A 199 -15.65 4.67 21.57
CA ALA A 199 -16.22 3.77 20.56
C ALA A 199 -17.61 3.31 20.96
N PRO A 200 -18.51 3.16 19.97
CA PRO A 200 -19.88 2.72 20.25
C PRO A 200 -19.97 1.22 20.48
N GLU A 201 -21.00 0.80 21.21
CA GLU A 201 -21.24 -0.62 21.42
C GLU A 201 -22.14 -1.19 20.34
N ALA A 202 -22.07 -2.51 20.14
CA ALA A 202 -23.00 -3.20 19.27
C ALA A 202 -24.37 -3.29 19.94
N PRO A 203 -25.44 -3.06 19.16
CA PRO A 203 -26.80 -3.21 19.70
C PRO A 203 -27.09 -4.63 20.18
N PRO A 204 -27.94 -4.78 21.21
CA PRO A 204 -28.34 -6.09 21.74
C PRO A 204 -29.16 -6.89 20.73
N PRO B 4 22.62 -6.22 -22.32
CA PRO B 4 22.96 -4.90 -21.79
C PRO B 4 21.82 -4.26 -21.00
N LEU B 5 22.11 -3.82 -19.78
CA LEU B 5 21.10 -3.23 -18.92
C LEU B 5 20.73 -1.84 -19.43
N HIS B 6 19.46 -1.47 -19.28
CA HIS B 6 19.09 -0.11 -19.64
C HIS B 6 19.81 0.77 -18.64
N ASP B 7 20.42 1.86 -19.12
CA ASP B 7 21.23 2.71 -18.25
C ASP B 7 20.35 3.44 -17.25
N PHE B 8 19.19 3.87 -17.71
CA PHE B 8 18.26 4.66 -16.92
C PHE B 8 17.65 3.85 -15.79
N CYS B 9 17.49 2.54 -16.01
CA CYS B 9 16.84 1.69 -15.02
C CYS B 9 17.84 0.91 -14.18
N ARG B 10 19.09 1.35 -14.18
CA ARG B 10 20.19 0.59 -13.60
C ARG B 10 20.08 0.36 -12.09
N SER B 11 19.87 1.43 -11.35
CA SER B 11 19.91 1.40 -9.90
C SER B 11 18.54 1.52 -9.24
N ARG B 12 17.51 1.10 -9.95
CA ARG B 12 16.16 1.30 -9.47
C ARG B 12 15.67 0.19 -8.53
N LEU B 13 14.86 0.58 -7.56
CA LEU B 13 14.24 -0.37 -6.65
C LEU B 13 12.78 -0.52 -7.04
N LEU B 14 12.43 -1.67 -7.60
CA LEU B 14 11.13 -1.83 -8.22
C LEU B 14 10.62 -3.26 -8.17
N ASP B 15 9.35 -3.41 -7.84
CA ASP B 15 8.66 -4.68 -8.02
C ASP B 15 7.73 -4.57 -9.21
N LEU B 16 8.08 -5.26 -10.30
CA LEU B 16 7.34 -5.14 -11.54
C LEU B 16 6.57 -6.41 -11.86
N VAL B 17 5.25 -6.28 -12.03
CA VAL B 17 4.40 -7.44 -12.27
C VAL B 17 3.84 -7.40 -13.68
N PHE B 18 4.15 -8.43 -14.46
CA PHE B 18 3.63 -8.52 -15.83
C PHE B 18 2.35 -9.34 -15.86
N LEU B 19 1.26 -8.72 -16.32
CA LEU B 19 -0.02 -9.41 -16.43
C LEU B 19 -0.41 -9.55 -17.89
N LEU B 20 -0.36 -10.78 -18.39
CA LEU B 20 -0.51 -11.04 -19.82
C LEU B 20 -1.89 -11.58 -20.20
N ASP B 21 -2.56 -10.88 -21.12
CA ASP B 21 -3.86 -11.30 -21.61
C ASP B 21 -3.74 -12.66 -22.31
N GLY B 22 -4.47 -13.66 -21.81
CA GLY B 22 -4.39 -14.99 -22.36
C GLY B 22 -5.60 -15.41 -23.17
N SER B 23 -6.33 -14.43 -23.71
CA SER B 23 -7.55 -14.73 -24.45
C SER B 23 -7.28 -14.93 -25.95
N SER B 24 -8.32 -15.31 -26.67
CA SER B 24 -8.21 -15.57 -28.11
C SER B 24 -8.28 -14.28 -28.93
N ARG B 25 -8.34 -13.13 -28.26
CA ARG B 25 -8.28 -11.84 -28.95
C ARG B 25 -6.91 -11.63 -29.56
N LEU B 26 -5.92 -12.32 -29.02
CA LEU B 26 -4.58 -12.37 -29.62
C LEU B 26 -4.35 -13.71 -30.29
N SER B 27 -3.91 -13.70 -31.54
CA SER B 27 -3.51 -14.94 -32.18
C SER B 27 -2.29 -15.48 -31.47
N GLU B 28 -1.94 -16.74 -31.74
CA GLU B 28 -0.80 -17.35 -31.08
C GLU B 28 0.49 -16.60 -31.40
N ALA B 29 0.64 -16.22 -32.67
CA ALA B 29 1.78 -15.43 -33.10
C ALA B 29 1.79 -14.08 -32.37
N GLU B 30 0.62 -13.48 -32.21
CA GLU B 30 0.50 -12.21 -31.51
C GLU B 30 0.88 -12.35 -30.04
N PHE B 31 0.48 -13.47 -29.43
CA PHE B 31 0.82 -13.72 -28.03
C PHE B 31 2.32 -13.92 -27.87
N GLU B 32 2.96 -14.48 -28.88
CA GLU B 32 4.41 -14.64 -28.88
C GLU B 32 5.12 -13.29 -28.94
N VAL B 33 4.52 -12.33 -29.67
CA VAL B 33 5.05 -10.98 -29.73
C VAL B 33 4.95 -10.32 -28.35
N LEU B 34 3.83 -10.54 -27.68
CA LEU B 34 3.61 -10.02 -26.34
C LEU B 34 4.66 -10.55 -25.36
N LYS B 35 4.93 -11.85 -25.44
CA LYS B 35 5.92 -12.48 -24.59
C LYS B 35 7.32 -11.96 -24.87
N ALA B 36 7.60 -11.73 -26.16
CA ALA B 36 8.89 -11.20 -26.58
C ALA B 36 9.12 -9.82 -26.00
N PHE B 37 8.04 -9.03 -25.92
CA PHE B 37 8.09 -7.71 -25.29
C PHE B 37 8.47 -7.85 -23.82
N VAL B 38 7.80 -8.76 -23.12
CA VAL B 38 8.08 -9.01 -21.71
C VAL B 38 9.54 -9.43 -21.52
N VAL B 39 10.04 -10.30 -22.40
CA VAL B 39 11.42 -10.74 -22.33
C VAL B 39 12.39 -9.59 -22.63
N ASP B 40 12.07 -8.79 -23.65
CA ASP B 40 12.87 -7.60 -23.96
C ASP B 40 12.96 -6.66 -22.75
N MET B 41 11.83 -6.50 -22.07
CA MET B 41 11.80 -5.69 -20.85
C MET B 41 12.69 -6.27 -19.77
N MET B 42 12.57 -7.58 -19.56
CA MET B 42 13.35 -8.24 -18.52
C MET B 42 14.84 -8.20 -18.83
N GLU B 43 15.18 -8.19 -20.11
CA GLU B 43 16.58 -8.13 -20.53
C GLU B 43 17.26 -6.82 -20.16
N ARG B 44 16.48 -5.75 -20.07
CA ARG B 44 17.05 -4.43 -19.82
C ARG B 44 16.97 -4.01 -18.36
N LEU B 45 16.58 -4.95 -17.51
CA LEU B 45 16.44 -4.67 -16.09
C LEU B 45 17.43 -5.48 -15.26
N ARG B 46 17.83 -4.91 -14.13
CA ARG B 46 18.73 -5.60 -13.21
C ARG B 46 17.90 -6.41 -12.23
N ILE B 47 17.59 -7.64 -12.63
CA ILE B 47 16.69 -8.47 -11.85
C ILE B 47 17.39 -9.10 -10.65
N SER B 48 16.93 -8.72 -9.46
CA SER B 48 17.50 -9.19 -8.20
C SER B 48 16.56 -8.78 -7.06
N GLN B 49 16.62 -9.49 -5.94
CA GLN B 49 15.75 -9.19 -4.81
C GLN B 49 16.07 -7.83 -4.22
N LYS B 50 17.28 -7.35 -4.49
CA LYS B 50 17.76 -6.07 -3.96
C LYS B 50 17.61 -4.94 -4.98
N TRP B 51 17.17 -5.27 -6.19
CA TRP B 51 17.05 -4.26 -7.24
C TRP B 51 15.67 -4.28 -7.90
N VAL B 52 15.55 -4.98 -9.03
CA VAL B 52 14.27 -5.13 -9.68
C VAL B 52 13.77 -6.56 -9.54
N ARG B 53 12.58 -6.72 -8.96
CA ARG B 53 11.96 -8.03 -8.89
C ARG B 53 10.83 -8.10 -9.90
N VAL B 54 10.65 -9.27 -10.51
CA VAL B 54 9.63 -9.42 -11.53
C VAL B 54 8.65 -10.52 -11.19
N ALA B 55 7.44 -10.40 -11.71
CA ALA B 55 6.43 -11.44 -11.63
C ALA B 55 5.74 -11.53 -12.98
N VAL B 56 5.43 -12.75 -13.41
CA VAL B 56 4.78 -12.95 -14.69
C VAL B 56 3.54 -13.82 -14.55
N VAL B 57 2.39 -13.25 -14.87
CA VAL B 57 1.12 -13.96 -14.75
C VAL B 57 0.34 -13.91 -16.07
N GLU B 58 -0.11 -15.07 -16.54
CA GLU B 58 -1.01 -15.15 -17.68
C GLU B 58 -2.43 -15.33 -17.17
N TYR B 59 -3.35 -14.49 -17.63
CA TYR B 59 -4.70 -14.59 -17.09
C TYR B 59 -5.77 -14.90 -18.12
N HIS B 60 -6.61 -15.88 -17.78
CA HIS B 60 -7.80 -16.22 -18.52
C HIS B 60 -9.01 -16.05 -17.61
N ASP B 61 -9.83 -17.10 -17.49
CA ASP B 61 -10.91 -17.09 -16.51
C ASP B 61 -10.29 -17.17 -15.12
N GLY B 62 -9.20 -17.92 -15.03
CA GLY B 62 -8.35 -17.92 -13.85
C GLY B 62 -7.00 -17.36 -14.27
N SER B 63 -6.00 -17.51 -13.42
CA SER B 63 -4.66 -17.04 -13.79
C SER B 63 -3.59 -18.08 -13.46
N HIS B 64 -2.52 -18.07 -14.25
CA HIS B 64 -1.36 -18.93 -13.99
C HIS B 64 -0.14 -18.07 -13.71
N ALA B 65 0.43 -18.23 -12.52
CA ALA B 65 1.61 -17.47 -12.14
C ALA B 65 2.89 -18.24 -12.46
N TYR B 66 3.54 -17.87 -13.55
CA TYR B 66 4.77 -18.53 -13.98
C TYR B 66 5.98 -18.08 -13.18
N ILE B 67 5.99 -16.82 -12.78
CA ILE B 67 7.07 -16.25 -11.97
C ILE B 67 6.52 -15.41 -10.82
N GLY B 68 7.06 -15.61 -9.62
CA GLY B 68 6.73 -14.79 -8.48
C GLY B 68 7.89 -13.86 -8.14
N LEU B 69 7.58 -12.74 -7.49
CA LEU B 69 8.58 -11.74 -7.11
C LEU B 69 9.70 -12.33 -6.28
N LYS B 70 9.34 -13.29 -5.43
CA LYS B 70 10.27 -13.88 -4.47
C LYS B 70 11.09 -15.01 -5.07
N ASP B 71 10.76 -15.38 -6.31
CA ASP B 71 11.51 -16.41 -7.02
C ASP B 71 12.95 -15.97 -7.24
N ARG B 72 13.87 -16.56 -6.49
CA ARG B 72 15.28 -16.18 -6.58
C ARG B 72 16.02 -16.96 -7.65
N LYS B 73 15.49 -16.99 -8.86
CA LYS B 73 16.18 -17.69 -9.95
C LYS B 73 17.04 -16.71 -10.73
N ARG B 74 18.06 -17.24 -11.40
CA ARG B 74 18.94 -16.41 -12.21
C ARG B 74 18.12 -15.78 -13.33
N PRO B 75 18.46 -14.53 -13.69
CA PRO B 75 17.72 -13.78 -14.71
C PRO B 75 17.50 -14.53 -16.02
N SER B 76 18.51 -15.26 -16.50
CA SER B 76 18.38 -16.01 -17.74
C SER B 76 17.30 -17.08 -17.64
N GLU B 77 17.17 -17.69 -16.47
CA GLU B 77 16.16 -18.70 -16.22
C GLU B 77 14.77 -18.06 -16.20
N LEU B 78 14.68 -16.91 -15.54
CA LEU B 78 13.42 -16.18 -15.48
C LEU B 78 12.97 -15.75 -16.88
N ARG B 79 13.91 -15.29 -17.69
CA ARG B 79 13.62 -14.88 -19.06
C ARG B 79 13.24 -16.08 -19.93
N ARG B 80 13.85 -17.23 -19.65
CA ARG B 80 13.50 -18.45 -20.37
C ARG B 80 12.07 -18.85 -20.06
N ILE B 81 11.72 -18.79 -18.79
CA ILE B 81 10.36 -19.13 -18.32
C ILE B 81 9.32 -18.22 -18.97
N ALA B 82 9.61 -16.93 -19.02
CA ALA B 82 8.72 -15.95 -19.62
C ALA B 82 8.52 -16.23 -21.11
N SER B 83 9.58 -16.67 -21.78
CA SER B 83 9.52 -16.95 -23.21
C SER B 83 8.79 -18.26 -23.50
N GLN B 84 8.51 -19.03 -22.44
CA GLN B 84 7.87 -20.32 -22.61
C GLN B 84 6.46 -20.36 -22.01
N VAL B 85 5.93 -19.20 -21.66
CA VAL B 85 4.55 -19.10 -21.20
C VAL B 85 3.60 -19.68 -22.24
N LYS B 86 2.77 -20.63 -21.80
CA LYS B 86 1.89 -21.34 -22.71
C LYS B 86 0.75 -20.47 -23.21
N TYR B 87 0.50 -20.54 -24.51
CA TYR B 87 -0.63 -19.82 -25.11
C TYR B 87 -1.93 -20.46 -24.68
N ALA B 88 -2.86 -19.64 -24.19
CA ALA B 88 -4.14 -20.16 -23.71
C ALA B 88 -5.22 -20.02 -24.79
N GLY B 89 -5.36 -18.81 -25.33
CA GLY B 89 -6.38 -18.56 -26.32
C GLY B 89 -7.77 -18.80 -25.78
N SER B 90 -7.95 -18.49 -24.49
CA SER B 90 -9.23 -18.70 -23.82
C SER B 90 -10.29 -17.75 -24.36
N GLN B 91 -11.55 -18.13 -24.20
CA GLN B 91 -12.63 -17.26 -24.64
C GLN B 91 -12.69 -16.01 -23.79
N VAL B 92 -12.32 -16.14 -22.52
CA VAL B 92 -12.39 -15.03 -21.59
C VAL B 92 -11.08 -14.79 -20.85
N ALA B 93 -10.67 -13.54 -20.79
CA ALA B 93 -9.55 -13.11 -19.94
C ALA B 93 -10.04 -12.13 -18.88
N SER B 94 -10.13 -12.59 -17.64
CA SER B 94 -10.69 -11.78 -16.57
C SER B 94 -9.68 -10.83 -15.92
N THR B 95 -9.83 -9.54 -16.22
CA THR B 95 -8.99 -8.52 -15.60
C THR B 95 -9.29 -8.39 -14.11
N SER B 96 -10.56 -8.56 -13.74
CA SER B 96 -10.97 -8.45 -12.34
C SER B 96 -10.32 -9.56 -11.52
N GLU B 97 -10.33 -10.77 -12.05
CA GLU B 97 -9.75 -11.91 -11.35
C GLU B 97 -8.24 -11.77 -11.16
N VAL B 98 -7.54 -11.32 -12.20
CA VAL B 98 -6.08 -11.22 -12.12
C VAL B 98 -5.64 -10.06 -11.23
N LEU B 99 -6.44 -9.00 -11.18
CA LEU B 99 -6.16 -7.90 -10.26
C LEU B 99 -6.46 -8.34 -8.82
N LYS B 100 -7.46 -9.20 -8.68
CA LYS B 100 -7.76 -9.82 -7.40
C LYS B 100 -6.59 -10.67 -6.94
N TYR B 101 -6.06 -11.47 -7.86
CA TYR B 101 -4.90 -12.31 -7.57
C TYR B 101 -3.70 -11.44 -7.23
N THR B 102 -3.55 -10.34 -7.97
CA THR B 102 -2.46 -9.40 -7.75
C THR B 102 -2.55 -8.74 -6.36
N LEU B 103 -3.77 -8.41 -5.95
CA LEU B 103 -3.99 -7.74 -4.70
C LEU B 103 -3.83 -8.66 -3.48
N PHE B 104 -4.45 -9.84 -3.55
CA PHE B 104 -4.53 -10.72 -2.40
C PHE B 104 -3.45 -11.80 -2.34
N GLN B 105 -2.66 -11.94 -3.39
CA GLN B 105 -1.63 -12.97 -3.42
C GLN B 105 -0.24 -12.36 -3.56
N ILE B 106 -0.01 -11.64 -4.66
CA ILE B 106 1.28 -11.02 -4.91
C ILE B 106 1.62 -9.94 -3.87
N PHE B 107 0.67 -9.06 -3.60
CA PHE B 107 0.91 -7.97 -2.67
C PHE B 107 0.07 -8.05 -1.40
N SER B 108 -0.17 -9.27 -0.92
CA SER B 108 -0.84 -9.44 0.37
C SER B 108 0.05 -8.90 1.47
N LYS B 109 1.35 -9.14 1.35
CA LYS B 109 2.33 -8.57 2.27
C LYS B 109 3.37 -7.77 1.50
N ILE B 110 3.61 -6.53 1.94
CA ILE B 110 4.61 -5.68 1.32
C ILE B 110 5.96 -5.78 2.04
N ASP B 111 6.82 -6.65 1.53
CA ASP B 111 8.11 -6.91 2.18
C ASP B 111 9.21 -5.97 1.69
N ARG B 112 8.90 -5.16 0.67
CA ARG B 112 9.87 -4.19 0.15
C ARG B 112 9.25 -2.81 0.03
N PRO B 113 9.07 -2.13 1.17
CA PRO B 113 8.46 -0.80 1.19
C PRO B 113 9.36 0.28 0.58
N GLU B 114 10.66 0.01 0.55
CA GLU B 114 11.62 0.97 -0.01
C GLU B 114 11.61 0.95 -1.53
N ALA B 115 10.87 0.02 -2.12
CA ALA B 115 10.80 -0.12 -3.57
C ALA B 115 9.41 0.28 -4.10
N SER B 116 9.37 0.70 -5.36
CA SER B 116 8.09 0.96 -6.03
C SER B 116 7.43 -0.33 -6.44
N ARG B 117 6.11 -0.31 -6.54
CA ARG B 117 5.36 -1.48 -6.99
C ARG B 117 4.49 -1.12 -8.18
N ILE B 118 4.74 -1.79 -9.31
CA ILE B 118 4.03 -1.50 -10.54
C ILE B 118 3.40 -2.75 -11.14
N ALA B 119 2.11 -2.67 -11.46
CA ALA B 119 1.43 -3.75 -12.14
C ALA B 119 1.15 -3.35 -13.59
N LEU B 120 1.83 -4.02 -14.51
CA LEU B 120 1.66 -3.74 -15.93
C LEU B 120 0.55 -4.65 -16.48
N LEU B 121 -0.62 -4.07 -16.67
CA LEU B 121 -1.79 -4.85 -17.12
C LEU B 121 -1.92 -4.78 -18.64
N LEU B 122 -1.45 -5.83 -19.30
CA LEU B 122 -1.44 -5.88 -20.76
C LEU B 122 -2.76 -6.48 -21.27
N MET B 123 -3.60 -5.61 -21.82
CA MET B 123 -4.97 -5.96 -22.16
C MET B 123 -5.22 -5.97 -23.67
N ALA B 124 -5.93 -6.99 -24.14
CA ALA B 124 -6.30 -7.08 -25.55
C ALA B 124 -7.75 -7.49 -25.72
N SER B 125 -8.46 -7.60 -24.60
CA SER B 125 -9.82 -8.14 -24.59
C SER B 125 -10.71 -7.44 -23.58
N GLN B 126 -11.95 -7.89 -23.50
CA GLN B 126 -12.91 -7.30 -22.58
C GLN B 126 -13.74 -8.38 -21.90
N GLU B 127 -13.51 -8.57 -20.60
CA GLU B 127 -14.25 -9.57 -19.84
C GLU B 127 -15.75 -9.25 -19.84
N PRO B 128 -16.58 -10.28 -19.70
CA PRO B 128 -18.02 -10.08 -19.56
C PRO B 128 -18.37 -9.27 -18.30
N GLN B 129 -19.34 -8.37 -18.42
CA GLN B 129 -19.71 -7.44 -17.34
C GLN B 129 -19.95 -8.15 -16.01
N ARG B 130 -20.51 -9.35 -16.07
CA ARG B 130 -20.82 -10.13 -14.87
C ARG B 130 -19.58 -10.47 -14.03
N MET B 131 -18.41 -10.42 -14.64
CA MET B 131 -17.17 -10.70 -13.92
C MET B 131 -16.52 -9.42 -13.39
N SER B 132 -17.13 -8.28 -13.66
CA SER B 132 -16.52 -6.98 -13.36
C SER B 132 -17.07 -6.32 -12.11
N ARG B 133 -17.87 -7.04 -11.33
CA ARG B 133 -18.52 -6.49 -10.15
C ARG B 133 -17.53 -5.87 -9.16
N ASN B 134 -16.40 -6.53 -8.97
CA ASN B 134 -15.42 -6.08 -7.98
C ASN B 134 -14.19 -5.41 -8.58
N PHE B 135 -14.28 -4.98 -9.84
CA PHE B 135 -13.13 -4.38 -10.52
C PHE B 135 -12.61 -3.14 -9.77
N VAL B 136 -13.49 -2.18 -9.53
CA VAL B 136 -13.08 -0.92 -8.92
C VAL B 136 -12.50 -1.09 -7.51
N ARG B 137 -13.10 -1.95 -6.70
CA ARG B 137 -12.60 -2.17 -5.34
C ARG B 137 -11.20 -2.78 -5.37
N TYR B 138 -10.95 -3.69 -6.31
CA TYR B 138 -9.62 -4.30 -6.42
C TYR B 138 -8.57 -3.28 -6.85
N VAL B 139 -8.95 -2.42 -7.79
CA VAL B 139 -8.06 -1.37 -8.27
C VAL B 139 -7.76 -0.38 -7.14
N GLN B 140 -8.80 -0.06 -6.38
CA GLN B 140 -8.69 0.81 -5.22
C GLN B 140 -7.84 0.14 -4.14
N GLY B 141 -7.99 -1.18 -4.01
CA GLY B 141 -7.19 -1.94 -3.07
C GLY B 141 -5.72 -1.88 -3.41
N LEU B 142 -5.41 -2.01 -4.70
CA LEU B 142 -4.03 -1.94 -5.17
C LEU B 142 -3.43 -0.56 -4.93
N LYS B 143 -4.24 0.48 -5.07
CA LYS B 143 -3.77 1.85 -4.83
C LYS B 143 -3.38 2.07 -3.37
N LYS B 144 -4.17 1.53 -2.46
CA LYS B 144 -3.91 1.67 -1.02
C LYS B 144 -2.60 0.95 -0.66
N LYS B 145 -2.28 -0.10 -1.41
CA LYS B 145 -1.04 -0.84 -1.18
C LYS B 145 0.13 -0.16 -1.89
N LYS B 146 -0.10 1.03 -2.42
CA LYS B 146 0.89 1.80 -3.18
C LYS B 146 1.39 0.99 -4.38
N VAL B 147 0.48 0.25 -5.00
CA VAL B 147 0.77 -0.45 -6.24
C VAL B 147 0.27 0.37 -7.42
N ILE B 148 1.18 0.81 -8.28
CA ILE B 148 0.82 1.58 -9.46
C ILE B 148 0.32 0.65 -10.57
N VAL B 149 -0.93 0.82 -10.98
CA VAL B 149 -1.48 0.00 -12.04
C VAL B 149 -1.41 0.73 -13.38
N ILE B 150 -0.63 0.15 -14.30
CA ILE B 150 -0.44 0.76 -15.60
C ILE B 150 -1.04 -0.11 -16.70
N PRO B 151 -2.16 0.34 -17.28
CA PRO B 151 -2.86 -0.38 -18.33
C PRO B 151 -2.21 -0.19 -19.69
N VAL B 152 -2.01 -1.28 -20.41
CA VAL B 152 -1.51 -1.22 -21.77
C VAL B 152 -2.58 -1.80 -22.69
N GLY B 153 -3.34 -0.91 -23.32
CA GLY B 153 -4.40 -1.33 -24.23
C GLY B 153 -3.88 -1.73 -25.59
N ILE B 154 -4.03 -3.01 -25.93
CA ILE B 154 -3.55 -3.51 -27.20
C ILE B 154 -4.70 -3.96 -28.09
N GLY B 155 -4.81 -3.33 -29.26
CA GLY B 155 -5.84 -3.71 -30.22
C GLY B 155 -7.20 -3.12 -29.90
N PRO B 156 -8.16 -3.33 -30.82
CA PRO B 156 -9.49 -2.70 -30.76
C PRO B 156 -10.43 -3.33 -29.73
N HIS B 157 -10.03 -4.44 -29.12
CA HIS B 157 -10.91 -5.15 -28.19
C HIS B 157 -10.57 -4.94 -26.72
N ALA B 158 -9.53 -4.16 -26.45
CA ALA B 158 -9.13 -3.85 -25.08
C ALA B 158 -10.26 -3.14 -24.33
N ASN B 159 -10.49 -3.55 -23.09
CA ASN B 159 -11.56 -2.99 -22.28
C ASN B 159 -11.29 -1.52 -21.93
N LEU B 160 -11.76 -0.63 -22.79
CA LEU B 160 -11.47 0.79 -22.68
C LEU B 160 -12.04 1.41 -21.40
N LYS B 161 -13.22 0.98 -20.99
CA LYS B 161 -13.85 1.49 -19.77
C LYS B 161 -12.99 1.25 -18.55
N GLN B 162 -12.48 0.03 -18.42
CA GLN B 162 -11.67 -0.36 -17.28
C GLN B 162 -10.32 0.34 -17.31
N ILE B 163 -9.80 0.56 -18.52
CA ILE B 163 -8.55 1.30 -18.71
C ILE B 163 -8.69 2.71 -18.15
N ARG B 164 -9.81 3.35 -18.48
CA ARG B 164 -10.12 4.69 -18.01
C ARG B 164 -10.37 4.72 -16.51
N LEU B 165 -11.02 3.67 -16.00
CA LEU B 165 -11.28 3.55 -14.58
C LEU B 165 -9.97 3.48 -13.80
N ILE B 166 -8.98 2.82 -14.38
CA ILE B 166 -7.66 2.74 -13.77
C ILE B 166 -6.91 4.07 -13.91
N GLU B 167 -6.94 4.64 -15.12
CA GLU B 167 -6.18 5.85 -15.42
C GLU B 167 -6.62 7.06 -14.60
N LYS B 168 -7.93 7.20 -14.39
CA LYS B 168 -8.46 8.40 -13.76
C LYS B 168 -8.23 8.46 -12.25
N GLN B 169 -7.71 7.38 -11.68
CA GLN B 169 -7.45 7.34 -10.25
C GLN B 169 -6.29 8.27 -9.86
N ALA B 170 -5.22 8.22 -10.62
CA ALA B 170 -4.04 9.01 -10.33
C ALA B 170 -3.19 9.20 -11.59
N PRO B 171 -2.41 10.30 -11.65
CA PRO B 171 -1.54 10.55 -12.81
C PRO B 171 -0.52 9.45 -13.09
N GLU B 172 -0.09 8.73 -12.05
CA GLU B 172 0.85 7.63 -12.24
C GLU B 172 0.24 6.52 -13.08
N ASN B 173 -1.06 6.31 -12.94
CA ASN B 173 -1.75 5.24 -13.66
C ASN B 173 -1.96 5.57 -15.13
N LYS B 174 -0.98 6.22 -15.75
CA LYS B 174 -1.04 6.59 -17.16
C LYS B 174 -1.22 5.36 -18.03
N ALA B 175 -2.17 5.41 -18.94
CA ALA B 175 -2.47 4.28 -19.81
C ALA B 175 -1.76 4.40 -21.15
N PHE B 176 -1.23 3.28 -21.62
CA PHE B 176 -0.68 3.23 -22.96
C PHE B 176 -1.69 2.55 -23.89
N VAL B 177 -1.89 3.14 -25.06
CA VAL B 177 -2.80 2.58 -26.05
C VAL B 177 -2.03 2.24 -27.31
N LEU B 178 -2.12 0.98 -27.72
CA LEU B 178 -1.45 0.50 -28.92
C LEU B 178 -2.46 -0.19 -29.84
N SER B 179 -2.31 0.02 -31.15
CA SER B 179 -3.23 -0.58 -32.11
C SER B 179 -2.93 -2.07 -32.30
N SER B 180 -1.72 -2.49 -31.93
CA SER B 180 -1.27 -3.85 -32.17
C SER B 180 -0.11 -4.26 -31.27
N VAL B 181 0.10 -5.57 -31.11
CA VAL B 181 1.26 -6.07 -30.37
C VAL B 181 2.55 -5.72 -31.12
N ASP B 182 2.43 -5.52 -32.43
CA ASP B 182 3.58 -5.20 -33.26
C ASP B 182 4.22 -3.87 -32.88
N GLU B 183 3.45 -3.02 -32.22
CA GLU B 183 3.92 -1.69 -31.82
C GLU B 183 4.65 -1.70 -30.47
N LEU B 184 4.60 -2.83 -29.77
CA LEU B 184 5.23 -2.92 -28.45
C LEU B 184 6.73 -2.67 -28.51
N GLU B 185 7.38 -3.25 -29.51
CA GLU B 185 8.84 -3.17 -29.61
C GLU B 185 9.33 -1.75 -29.87
N GLN B 186 8.57 -0.98 -30.65
CA GLN B 186 8.94 0.38 -30.97
C GLN B 186 8.81 1.31 -29.77
N GLN B 187 7.90 0.96 -28.86
CA GLN B 187 7.63 1.77 -27.69
C GLN B 187 8.27 1.20 -26.42
N ARG B 188 9.12 0.19 -26.59
CA ARG B 188 9.74 -0.51 -25.46
C ARG B 188 10.56 0.45 -24.59
N ASP B 189 11.47 1.19 -25.21
CA ASP B 189 12.35 2.12 -24.49
C ASP B 189 11.57 3.23 -23.79
N GLU B 190 10.51 3.70 -24.43
CA GLU B 190 9.66 4.74 -23.85
C GLU B 190 8.96 4.24 -22.59
N ILE B 191 8.37 3.04 -22.68
CA ILE B 191 7.62 2.49 -21.55
C ILE B 191 8.52 2.14 -20.37
N VAL B 192 9.64 1.47 -20.64
CA VAL B 192 10.54 1.06 -19.57
C VAL B 192 11.14 2.29 -18.85
N SER B 193 11.43 3.34 -19.60
CA SER B 193 11.95 4.57 -19.01
C SER B 193 10.89 5.19 -18.10
N TYR B 194 9.64 5.17 -18.56
CA TYR B 194 8.52 5.69 -17.79
C TYR B 194 8.34 4.92 -16.47
N LEU B 195 8.46 3.59 -16.55
CA LEU B 195 8.32 2.74 -15.38
C LEU B 195 9.36 3.06 -14.32
N CYS B 196 10.62 3.09 -14.75
CA CYS B 196 11.74 3.32 -13.83
C CYS B 196 11.74 4.73 -13.26
N ASP B 197 11.17 5.68 -13.98
CA ASP B 197 11.11 7.06 -13.51
C ASP B 197 10.22 7.13 -12.27
N LEU B 198 9.26 6.22 -12.17
CA LEU B 198 8.38 6.14 -11.01
C LEU B 198 9.07 5.45 -9.84
N ALA B 199 10.13 4.72 -10.14
CA ALA B 199 10.87 4.00 -9.12
C ALA B 199 12.05 4.82 -8.60
N PRO B 200 12.33 4.72 -7.29
CA PRO B 200 13.48 5.39 -6.68
C PRO B 200 14.78 4.63 -6.91
N GLU B 201 15.91 5.32 -6.82
CA GLU B 201 17.22 4.67 -6.88
C GLU B 201 17.72 4.27 -5.51
N ALA B 202 18.67 3.34 -5.49
CA ALA B 202 19.35 2.97 -4.26
C ALA B 202 20.20 4.14 -3.78
N PRO B 203 20.22 4.39 -2.46
CA PRO B 203 21.02 5.45 -1.83
C PRO B 203 22.51 5.29 -2.12
N PRO B 204 23.25 6.41 -2.11
CA PRO B 204 24.70 6.42 -2.38
C PRO B 204 25.49 5.65 -1.31
#